data_2XBF
#
_entry.id   2XBF
#
_cell.length_a   175.405
_cell.length_b   38.843
_cell.length_c   60.640
_cell.angle_alpha   90.00
_cell.angle_beta   93.13
_cell.angle_gamma   90.00
#
_symmetry.space_group_name_H-M   'C 1 2 1'
#
loop_
_entity.id
_entity.type
_entity.pdbx_description
1 polymer 'E3 UBIQUITIN-PROTEIN LIGASE NEDD4'
2 non-polymer 1,2-ETHANEDIOL
3 non-polymer 'CALCIUM ION'
4 water water
#
_entity_poly.entity_id   1
_entity_poly.type   'polypeptide(L)'
_entity_poly.pdbx_seq_one_letter_code
;GPLGSRDYKRKYEFFRRKLKKQNDIPNKFEMKLRRATVLEDSYRRIMGVKRADFLKARLWIEFDGEKGLDYGGVAREWFF
LISKEMFNPYYGLFEYSATDNYTLQINPNSGLCNEDHLSYFKFIGRVAGMAVYHGKLLDGFFIRPFYKMMLHKPITLHDM
ESVDSEYYNSLRWILENDPTELDLRFIIDEELFGQTHQHELKNGGSEIVVTNKNKKEYIYLVIQWRFVNRIQKQMAAFKE
GFFELIPQDLIKIFDENELELLMCGLGDVDVNDWREHTKYKNGYSANHQVIQWFWKAVLMMDSEKRIRLLQFVTGTSRVP
MNGFAELYGSNGPQSFTVEQWGTPEKLPRAHTCFNRLDLPPYESFEELWDKLQMAIENTQGFDGVD
;
_entity_poly.pdbx_strand_id   A
#
loop_
_chem_comp.id
_chem_comp.type
_chem_comp.name
_chem_comp.formula
CA non-polymer 'CALCIUM ION' 'Ca 2'
EDO non-polymer 1,2-ETHANEDIOL 'C2 H6 O2'
#
# COMPACT_ATOMS: atom_id res chain seq x y z
N SER A 5 -19.50 -4.70 17.85
CA SER A 5 -18.98 -4.57 16.49
C SER A 5 -18.05 -5.73 16.13
N ARG A 6 -17.89 -5.96 14.84
CA ARG A 6 -16.99 -6.98 14.33
C ARG A 6 -15.58 -6.40 14.20
N ASP A 7 -14.57 -7.20 14.55
CA ASP A 7 -13.19 -6.79 14.30
C ASP A 7 -12.81 -7.15 12.87
N TYR A 8 -11.60 -6.80 12.45
CA TYR A 8 -11.20 -7.00 11.06
C TYR A 8 -11.40 -8.45 10.60
N LYS A 9 -10.91 -9.40 11.38
CA LYS A 9 -11.01 -10.81 11.01
C LYS A 9 -12.46 -11.24 10.77
N ARG A 10 -13.36 -10.80 11.64
CA ARG A 10 -14.77 -11.11 11.49
C ARG A 10 -15.40 -10.33 10.35
N LYS A 11 -14.98 -9.08 10.19
CA LYS A 11 -15.40 -8.26 9.06
C LYS A 11 -15.05 -8.95 7.75
N TYR A 12 -13.83 -9.47 7.66
CA TYR A 12 -13.38 -10.08 6.43
C TYR A 12 -14.17 -11.34 6.08
N GLU A 13 -14.36 -12.21 7.07
CA GLU A 13 -15.14 -13.42 6.87
C GLU A 13 -16.56 -13.07 6.45
N PHE A 14 -17.15 -12.12 7.17
CA PHE A 14 -18.46 -11.60 6.83
C PHE A 14 -18.48 -11.11 5.38
N PHE A 15 -17.45 -10.35 5.03
CA PHE A 15 -17.25 -9.83 3.68
C PHE A 15 -17.23 -10.95 2.64
N ARG A 16 -16.41 -11.97 2.88
CA ARG A 16 -16.27 -13.07 1.94
C ARG A 16 -17.55 -13.88 1.80
N ARG A 17 -18.33 -13.95 2.86
CA ARG A 17 -19.60 -14.66 2.82
C ARG A 17 -20.64 -13.96 1.95
N LYS A 18 -20.58 -12.64 1.90
CA LYS A 18 -21.52 -11.86 1.10
C LYS A 18 -21.08 -11.81 -0.37
N LEU A 19 -19.79 -11.98 -0.61
CA LEU A 19 -19.24 -12.00 -1.95
C LEU A 19 -19.61 -13.30 -2.66
N LYS A 20 -20.81 -13.36 -3.21
CA LYS A 20 -21.32 -14.57 -3.83
C LYS A 20 -20.62 -14.91 -5.15
N LYS A 21 -20.53 -16.20 -5.44
CA LYS A 21 -19.89 -16.67 -6.66
C LYS A 21 -20.83 -16.51 -7.87
N GLN A 22 -20.24 -16.25 -9.04
CA GLN A 22 -21.00 -16.11 -10.28
C GLN A 22 -21.21 -17.48 -10.93
N ASN A 23 -22.43 -17.72 -11.39
CA ASN A 23 -22.77 -19.00 -12.01
C ASN A 23 -22.87 -18.90 -13.54
N ASP A 24 -23.35 -17.75 -14.02
CA ASP A 24 -23.45 -17.51 -15.46
C ASP A 24 -22.12 -17.03 -16.03
N ILE A 25 -21.04 -17.73 -15.69
CA ILE A 25 -19.69 -17.34 -16.07
C ILE A 25 -18.87 -18.56 -16.46
N PRO A 26 -18.00 -18.41 -17.48
CA PRO A 26 -17.10 -19.51 -17.84
C PRO A 26 -16.34 -20.00 -16.61
N ASN A 27 -16.10 -21.31 -16.52
CA ASN A 27 -15.46 -21.88 -15.34
C ASN A 27 -14.07 -21.31 -15.04
N LYS A 28 -13.48 -20.62 -16.02
CA LYS A 28 -12.16 -20.04 -15.84
C LYS A 28 -11.94 -18.84 -16.76
N PHE A 29 -11.03 -17.95 -16.35
CA PHE A 29 -10.65 -16.81 -17.17
C PHE A 29 -9.24 -16.99 -17.73
N GLU A 30 -9.16 -17.30 -19.01
CA GLU A 30 -7.88 -17.57 -19.65
C GLU A 30 -7.24 -16.31 -20.20
N MET A 31 -6.03 -16.03 -19.74
CA MET A 31 -5.23 -14.96 -20.34
C MET A 31 -3.77 -15.39 -20.39
N LYS A 32 -3.22 -15.42 -21.60
CA LYS A 32 -1.83 -15.77 -21.79
C LYS A 32 -1.01 -14.53 -22.16
N LEU A 33 0.03 -14.27 -21.37
CA LEU A 33 0.80 -13.04 -21.47
C LEU A 33 2.27 -13.30 -21.80
N ARG A 34 3.00 -12.22 -22.11
CA ARG A 34 4.45 -12.28 -22.24
C ARG A 34 5.09 -11.37 -21.20
N ARG A 35 6.10 -11.87 -20.51
CA ARG A 35 6.75 -11.12 -19.44
C ARG A 35 7.24 -9.75 -19.90
N ALA A 36 7.82 -9.69 -21.10
CA ALA A 36 8.39 -8.44 -21.59
C ALA A 36 7.31 -7.39 -21.81
N THR A 37 6.06 -7.85 -21.96
CA THR A 37 4.94 -6.95 -22.19
C THR A 37 3.73 -7.31 -21.33
N VAL A 38 3.96 -7.55 -20.04
CA VAL A 38 2.90 -7.88 -19.12
C VAL A 38 1.80 -6.83 -19.10
N LEU A 39 2.19 -5.57 -19.05
CA LEU A 39 1.25 -4.48 -18.87
C LEU A 39 0.28 -4.34 -20.04
N GLU A 40 0.83 -4.24 -21.26
CA GLU A 40 -0.01 -4.11 -22.45
C GLU A 40 -0.83 -5.35 -22.76
N ASP A 41 -0.29 -6.52 -22.44
CA ASP A 41 -0.99 -7.77 -22.68
C ASP A 41 -2.16 -7.95 -21.70
N SER A 42 -1.94 -7.57 -20.44
CA SER A 42 -2.97 -7.67 -19.42
C SER A 42 -4.07 -6.65 -19.68
N TYR A 43 -3.67 -5.42 -20.01
CA TYR A 43 -4.61 -4.37 -20.32
C TYR A 43 -5.54 -4.77 -21.46
N ARG A 44 -4.95 -5.21 -22.58
CA ARG A 44 -5.74 -5.61 -23.74
C ARG A 44 -6.73 -6.74 -23.42
N ARG A 45 -6.29 -7.71 -22.63
CA ARG A 45 -7.14 -8.84 -22.29
C ARG A 45 -8.21 -8.44 -21.27
N ILE A 46 -7.78 -7.83 -20.18
CA ILE A 46 -8.67 -7.47 -19.08
C ILE A 46 -9.66 -6.35 -19.44
N MET A 47 -9.30 -5.51 -20.41
CA MET A 47 -10.20 -4.44 -20.83
C MET A 47 -11.03 -4.81 -22.05
N GLY A 48 -10.77 -5.99 -22.61
CA GLY A 48 -11.48 -6.43 -23.81
C GLY A 48 -12.59 -7.43 -23.54
N VAL A 49 -12.59 -8.00 -22.34
CA VAL A 49 -13.56 -9.03 -21.97
C VAL A 49 -15.00 -8.57 -22.20
N LYS A 50 -15.85 -9.49 -22.63
CA LYS A 50 -17.24 -9.17 -22.93
C LYS A 50 -17.92 -8.56 -21.71
N ARG A 51 -17.81 -9.25 -20.58
CA ARG A 51 -18.37 -8.79 -19.31
C ARG A 51 -17.28 -8.73 -18.26
N ALA A 52 -17.34 -7.74 -17.38
CA ALA A 52 -16.36 -7.64 -16.31
C ALA A 52 -16.43 -8.87 -15.41
N ASP A 53 -17.61 -9.48 -15.34
CA ASP A 53 -17.81 -10.67 -14.51
C ASP A 53 -16.90 -11.84 -14.89
N PHE A 54 -16.39 -11.82 -16.12
CA PHE A 54 -15.50 -12.91 -16.55
C PHE A 54 -14.21 -12.93 -15.73
N LEU A 55 -13.88 -11.80 -15.14
CA LEU A 55 -12.67 -11.68 -14.33
C LEU A 55 -12.86 -12.29 -12.95
N LYS A 56 -14.04 -12.87 -12.71
CA LYS A 56 -14.33 -13.50 -11.43
C LYS A 56 -14.05 -14.99 -11.46
N ALA A 57 -13.99 -15.55 -12.67
CA ALA A 57 -13.69 -16.97 -12.82
C ALA A 57 -12.29 -17.30 -12.29
N ARG A 58 -11.97 -18.58 -12.20
CA ARG A 58 -10.64 -18.99 -11.77
C ARG A 58 -9.61 -18.58 -12.80
N LEU A 59 -8.55 -17.91 -12.36
CA LEU A 59 -7.55 -17.36 -13.26
C LEU A 59 -6.69 -18.45 -13.91
N TRP A 60 -6.73 -18.48 -15.24
CA TRP A 60 -5.93 -19.40 -16.05
C TRP A 60 -4.89 -18.63 -16.86
N ILE A 61 -3.75 -18.33 -16.22
CA ILE A 61 -2.75 -17.46 -16.84
C ILE A 61 -1.52 -18.23 -17.32
N GLU A 62 -1.08 -17.92 -18.54
CA GLU A 62 0.11 -18.54 -19.11
C GLU A 62 1.15 -17.50 -19.50
N PHE A 63 2.35 -17.62 -18.96
CA PHE A 63 3.44 -16.72 -19.30
C PHE A 63 4.34 -17.31 -20.39
N ASP A 64 4.53 -16.55 -21.46
CA ASP A 64 5.50 -16.90 -22.50
C ASP A 64 5.36 -18.34 -23.02
N GLY A 65 4.13 -18.84 -23.08
CA GLY A 65 3.87 -20.16 -23.61
C GLY A 65 4.35 -21.29 -22.74
N GLU A 66 4.72 -20.97 -21.50
CA GLU A 66 5.21 -21.96 -20.56
C GLU A 66 4.08 -22.83 -20.00
N LYS A 67 4.00 -24.07 -20.48
CA LYS A 67 2.94 -24.98 -20.06
C LYS A 67 3.34 -25.81 -18.84
N GLY A 68 2.35 -26.26 -18.09
CA GLY A 68 2.56 -27.23 -17.03
C GLY A 68 2.69 -26.68 -15.63
N LEU A 69 2.68 -25.36 -15.48
CA LEU A 69 2.85 -24.74 -14.17
C LEU A 69 1.54 -24.65 -13.41
N ASP A 70 1.63 -24.70 -12.09
CA ASP A 70 0.46 -24.56 -11.23
C ASP A 70 -0.19 -23.20 -11.47
N TYR A 71 -1.43 -23.21 -11.92
CA TYR A 71 -2.13 -21.97 -12.27
C TYR A 71 -2.30 -21.04 -11.08
N GLY A 72 -2.31 -21.59 -9.87
CA GLY A 72 -2.49 -20.79 -8.67
C GLY A 72 -1.28 -19.96 -8.31
N GLY A 73 -0.09 -20.49 -8.61
CA GLY A 73 1.15 -19.79 -8.33
C GLY A 73 1.47 -18.80 -9.43
N VAL A 74 1.05 -19.12 -10.66
CA VAL A 74 1.26 -18.24 -11.80
C VAL A 74 0.43 -16.97 -11.62
N ALA A 75 -0.80 -17.14 -11.14
CA ALA A 75 -1.68 -16.00 -10.90
C ALA A 75 -1.06 -15.09 -9.86
N ARG A 76 -0.60 -15.69 -8.76
CA ARG A 76 -0.03 -14.92 -7.67
C ARG A 76 1.17 -14.13 -8.16
N GLU A 77 1.98 -14.76 -9.01
CA GLU A 77 3.13 -14.10 -9.61
C GLU A 77 2.70 -12.95 -10.52
N TRP A 78 1.60 -13.16 -11.24
CA TRP A 78 1.08 -12.12 -12.14
C TRP A 78 0.70 -10.87 -11.35
N PHE A 79 -0.06 -11.06 -10.28
CA PHE A 79 -0.48 -9.95 -9.44
C PHE A 79 0.73 -9.12 -9.01
N PHE A 80 1.86 -9.80 -8.85
CA PHE A 80 3.09 -9.15 -8.43
C PHE A 80 3.75 -8.38 -9.58
N LEU A 81 3.89 -9.02 -10.73
CA LEU A 81 4.52 -8.38 -11.88
C LEU A 81 3.67 -7.22 -12.40
N ILE A 82 2.36 -7.39 -12.44
CA ILE A 82 1.48 -6.36 -12.94
C ILE A 82 1.48 -5.15 -12.01
N SER A 83 1.54 -5.40 -10.70
CA SER A 83 1.65 -4.32 -9.72
C SER A 83 2.91 -3.49 -9.97
N LYS A 84 4.04 -4.19 -10.12
CA LYS A 84 5.30 -3.52 -10.44
C LYS A 84 5.14 -2.56 -11.61
N GLU A 85 4.41 -2.99 -12.64
CA GLU A 85 4.23 -2.17 -13.84
C GLU A 85 3.24 -1.02 -13.66
N MET A 86 2.04 -1.31 -13.20
CA MET A 86 0.99 -0.29 -13.06
C MET A 86 1.43 0.86 -12.19
N PHE A 87 2.16 0.55 -11.12
CA PHE A 87 2.49 1.55 -10.11
C PHE A 87 3.85 2.17 -10.34
N ASN A 88 4.48 1.83 -11.45
CA ASN A 88 5.75 2.43 -11.81
C ASN A 88 5.53 3.87 -12.29
N PRO A 89 6.11 4.85 -11.57
CA PRO A 89 5.92 6.26 -11.89
C PRO A 89 6.40 6.60 -13.31
N TYR A 90 7.19 5.71 -13.90
CA TYR A 90 7.66 5.91 -15.26
C TYR A 90 6.49 6.04 -16.24
N TYR A 91 5.34 5.51 -15.85
CA TYR A 91 4.18 5.50 -16.74
C TYR A 91 3.27 6.72 -16.57
N GLY A 92 3.51 7.49 -15.52
CA GLY A 92 2.80 8.74 -15.33
C GLY A 92 1.43 8.62 -14.70
N LEU A 93 0.98 7.39 -14.41
CA LEU A 93 -0.33 7.21 -13.78
C LEU A 93 -0.25 7.49 -12.29
N PHE A 94 0.69 6.84 -11.63
CA PHE A 94 0.92 7.06 -10.20
C PHE A 94 2.28 7.70 -9.97
N GLU A 95 2.45 8.31 -8.81
CA GLU A 95 3.70 8.96 -8.45
C GLU A 95 3.84 9.00 -6.93
N TYR A 96 5.08 8.95 -6.46
CA TYR A 96 5.35 9.05 -5.03
C TYR A 96 4.76 10.34 -4.46
N SER A 97 4.03 10.22 -3.36
CA SER A 97 3.37 11.36 -2.74
C SER A 97 4.37 12.46 -2.35
N ALA A 98 5.62 12.06 -2.16
CA ALA A 98 6.67 13.01 -1.81
C ALA A 98 8.04 12.37 -1.96
N THR A 99 9.05 13.20 -2.19
CA THR A 99 10.41 12.73 -2.39
C THR A 99 10.91 11.80 -1.28
N ASP A 100 10.49 12.07 -0.04
CA ASP A 100 10.90 11.25 1.10
C ASP A 100 9.85 10.22 1.48
N ASN A 101 8.84 10.07 0.63
CA ASN A 101 7.78 9.10 0.86
C ASN A 101 7.82 7.95 -0.13
N TYR A 102 7.41 6.77 0.32
N TYR A 102 7.40 6.78 0.32
CA TYR A 102 7.34 5.60 -0.54
CA TYR A 102 7.34 5.62 -0.56
C TYR A 102 5.90 5.36 -0.99
C TYR A 102 5.91 5.38 -1.02
N THR A 103 4.97 6.11 -0.41
CA THR A 103 3.56 5.99 -0.75
C THR A 103 3.22 6.61 -2.10
N LEU A 104 2.13 6.14 -2.71
CA LEU A 104 1.74 6.56 -4.04
C LEU A 104 0.45 7.38 -4.06
N GLN A 105 0.34 8.25 -5.06
CA GLN A 105 -0.88 9.02 -5.29
C GLN A 105 -1.07 9.14 -6.80
N ILE A 106 -2.29 9.43 -7.22
CA ILE A 106 -2.54 9.67 -8.64
C ILE A 106 -1.78 10.91 -9.12
N ASN A 107 -1.04 10.76 -10.22
CA ASN A 107 -0.36 11.89 -10.82
C ASN A 107 -1.37 12.81 -11.48
N PRO A 108 -1.50 14.04 -10.96
CA PRO A 108 -2.44 15.02 -11.51
C PRO A 108 -2.19 15.28 -12.99
N ASN A 109 -0.98 14.99 -13.46
CA ASN A 109 -0.65 15.13 -14.87
C ASN A 109 -0.70 13.80 -15.62
N SER A 110 -1.64 12.94 -15.23
CA SER A 110 -1.80 11.64 -15.86
C SER A 110 -2.00 11.78 -17.37
N GLY A 111 -2.93 12.65 -17.74
CA GLY A 111 -3.30 12.84 -19.14
C GLY A 111 -2.16 13.31 -20.02
N LEU A 112 -1.22 14.05 -19.45
CA LEU A 112 -0.09 14.54 -20.23
C LEU A 112 0.89 13.43 -20.55
N CYS A 113 0.92 12.42 -19.68
CA CYS A 113 1.82 11.29 -19.87
C CYS A 113 1.16 10.28 -20.80
N ASN A 114 -0.16 10.20 -20.73
CA ASN A 114 -0.92 9.25 -21.51
C ASN A 114 -2.33 9.77 -21.79
N GLU A 115 -2.61 10.03 -23.06
CA GLU A 115 -3.90 10.59 -23.47
C GLU A 115 -5.06 9.64 -23.16
N ASP A 116 -4.77 8.34 -23.13
CA ASP A 116 -5.78 7.33 -22.87
C ASP A 116 -5.73 6.87 -21.41
N HIS A 117 -5.28 7.76 -20.54
CA HIS A 117 -4.99 7.40 -19.14
C HIS A 117 -6.20 6.92 -18.35
N LEU A 118 -7.39 7.40 -18.68
CA LEU A 118 -8.60 7.02 -17.94
C LEU A 118 -8.91 5.53 -18.02
N SER A 119 -8.76 4.94 -19.21
CA SER A 119 -9.01 3.52 -19.37
C SER A 119 -7.97 2.67 -18.63
N TYR A 120 -6.76 3.19 -18.52
CA TYR A 120 -5.72 2.52 -17.75
C TYR A 120 -6.01 2.56 -16.26
N PHE A 121 -6.63 3.65 -15.81
CA PHE A 121 -7.05 3.74 -14.41
C PHE A 121 -8.20 2.77 -14.13
N LYS A 122 -9.09 2.61 -15.10
CA LYS A 122 -10.18 1.65 -14.96
C LYS A 122 -9.62 0.23 -14.99
N PHE A 123 -8.51 0.05 -15.70
CA PHE A 123 -7.83 -1.24 -15.77
C PHE A 123 -7.21 -1.58 -14.41
N ILE A 124 -6.38 -0.67 -13.91
CA ILE A 124 -5.81 -0.80 -12.57
C ILE A 124 -6.89 -1.05 -11.53
N GLY A 125 -8.06 -0.44 -11.73
CA GLY A 125 -9.19 -0.67 -10.84
C GLY A 125 -9.66 -2.11 -10.92
N ARG A 126 -9.82 -2.61 -12.15
CA ARG A 126 -10.24 -3.99 -12.36
C ARG A 126 -9.26 -4.99 -11.75
N VAL A 127 -7.97 -4.74 -11.92
CA VAL A 127 -6.95 -5.62 -11.36
C VAL A 127 -6.97 -5.59 -9.83
N ALA A 128 -7.08 -4.39 -9.26
CA ALA A 128 -7.22 -4.26 -7.81
C ALA A 128 -8.45 -5.02 -7.34
N GLY A 129 -9.53 -4.94 -8.10
CA GLY A 129 -10.75 -5.67 -7.78
C GLY A 129 -10.55 -7.17 -7.89
N MET A 130 -9.73 -7.58 -8.85
CA MET A 130 -9.42 -8.98 -9.06
C MET A 130 -8.63 -9.55 -7.88
N ALA A 131 -7.67 -8.79 -7.38
CA ALA A 131 -6.86 -9.23 -6.25
C ALA A 131 -7.73 -9.48 -5.03
N VAL A 132 -8.64 -8.55 -4.75
CA VAL A 132 -9.52 -8.67 -3.60
C VAL A 132 -10.52 -9.81 -3.74
N TYR A 133 -11.10 -9.95 -4.93
CA TYR A 133 -12.08 -10.99 -5.18
C TYR A 133 -11.47 -12.39 -5.06
N HIS A 134 -10.25 -12.55 -5.55
CA HIS A 134 -9.58 -13.85 -5.55
C HIS A 134 -8.70 -14.06 -4.33
N GLY A 135 -8.80 -13.17 -3.34
CA GLY A 135 -8.06 -13.31 -2.10
C GLY A 135 -6.56 -13.21 -2.29
N LYS A 136 -6.13 -12.28 -3.13
CA LYS A 136 -4.71 -12.04 -3.36
C LYS A 136 -4.39 -10.57 -3.03
N LEU A 137 -3.11 -10.24 -2.95
CA LEU A 137 -2.71 -8.89 -2.59
C LEU A 137 -1.97 -8.17 -3.72
N LEU A 138 -2.24 -6.88 -3.87
CA LEU A 138 -1.48 -6.06 -4.80
C LEU A 138 -0.18 -5.65 -4.14
N ASP A 139 0.79 -5.28 -4.97
CA ASP A 139 2.06 -4.79 -4.43
C ASP A 139 2.16 -3.29 -4.64
N GLY A 140 1.89 -2.54 -3.58
CA GLY A 140 1.95 -1.09 -3.64
C GLY A 140 1.21 -0.46 -2.49
N PHE A 141 1.68 0.70 -2.05
CA PHE A 141 1.07 1.38 -0.91
C PHE A 141 0.63 2.77 -1.34
N PHE A 142 -0.63 3.11 -1.08
CA PHE A 142 -1.15 4.42 -1.48
C PHE A 142 -1.34 5.33 -0.29
N ILE A 143 -1.40 6.63 -0.55
CA ILE A 143 -1.64 7.59 0.50
C ILE A 143 -3.02 7.32 1.10
N ARG A 144 -3.17 7.64 2.39
CA ARG A 144 -4.42 7.38 3.09
C ARG A 144 -5.64 7.94 2.35
N PRO A 145 -5.52 9.15 1.78
CA PRO A 145 -6.64 9.75 1.04
C PRO A 145 -7.12 8.87 -0.13
N PHE A 146 -6.23 8.07 -0.70
CA PHE A 146 -6.63 7.16 -1.78
C PHE A 146 -7.64 6.14 -1.29
N TYR A 147 -7.42 5.63 -0.08
CA TYR A 147 -8.32 4.63 0.48
C TYR A 147 -9.63 5.26 0.93
N LYS A 148 -9.54 6.47 1.46
CA LYS A 148 -10.72 7.20 1.90
C LYS A 148 -11.68 7.50 0.75
N MET A 149 -11.13 7.94 -0.37
CA MET A 149 -11.96 8.23 -1.54
C MET A 149 -12.70 6.98 -2.02
N MET A 150 -12.05 5.83 -1.88
CA MET A 150 -12.67 4.55 -2.23
C MET A 150 -13.88 4.26 -1.33
N LEU A 151 -13.75 4.58 -0.06
CA LEU A 151 -14.81 4.34 0.91
C LEU A 151 -15.77 5.53 0.98
N HIS A 152 -15.54 6.52 0.12
CA HIS A 152 -16.32 7.74 0.15
C HIS A 152 -16.28 8.38 1.54
N LYS A 153 -15.09 8.43 2.13
CA LYS A 153 -14.90 9.08 3.40
C LYS A 153 -14.24 10.43 3.16
N PRO A 154 -14.49 11.39 4.06
CA PRO A 154 -13.95 12.75 3.91
C PRO A 154 -12.44 12.77 4.10
N ILE A 155 -11.72 13.49 3.23
CA ILE A 155 -10.30 13.72 3.43
C ILE A 155 -10.10 14.83 4.45
N THR A 156 -9.31 14.55 5.48
CA THR A 156 -9.18 15.49 6.59
C THR A 156 -7.79 16.09 6.70
N LEU A 157 -7.70 17.21 7.39
CA LEU A 157 -6.45 17.91 7.64
C LEU A 157 -5.39 16.95 8.21
N HIS A 158 -5.85 15.91 8.90
CA HIS A 158 -4.94 14.95 9.52
C HIS A 158 -4.27 14.07 8.48
N ASP A 159 -5.02 13.70 7.44
CA ASP A 159 -4.47 12.91 6.33
C ASP A 159 -3.28 13.63 5.72
N MET A 160 -3.21 14.93 5.92
CA MET A 160 -2.12 15.75 5.41
C MET A 160 -0.82 15.49 6.18
N GLU A 161 -0.94 15.22 7.48
CA GLU A 161 0.22 14.98 8.32
C GLU A 161 1.07 13.86 7.75
N SER A 162 0.44 12.72 7.48
CA SER A 162 1.13 11.54 6.97
C SER A 162 1.83 11.79 5.62
N VAL A 163 1.43 12.83 4.92
CA VAL A 163 1.98 13.12 3.62
C VAL A 163 2.99 14.28 3.66
N ASP A 164 2.49 15.49 3.90
CA ASP A 164 3.35 16.67 4.01
C ASP A 164 3.21 17.30 5.39
N SER A 165 4.21 17.07 6.25
CA SER A 165 4.16 17.55 7.63
C SER A 165 4.27 19.06 7.74
N GLU A 166 5.03 19.67 6.84
CA GLU A 166 5.21 21.12 6.86
C GLU A 166 3.90 21.80 6.47
N TYR A 167 3.18 21.17 5.55
CA TYR A 167 1.91 21.72 5.07
C TYR A 167 0.87 21.54 6.16
N TYR A 168 1.00 20.45 6.92
CA TYR A 168 0.06 20.13 7.97
C TYR A 168 0.13 21.13 9.12
N ASN A 169 1.35 21.45 9.54
CA ASN A 169 1.58 22.37 10.66
C ASN A 169 1.13 23.80 10.34
N SER A 170 1.34 24.22 9.11
CA SER A 170 0.92 25.54 8.67
C SER A 170 -0.60 25.66 8.76
N LEU A 171 -1.30 24.63 8.30
CA LEU A 171 -2.74 24.62 8.33
C LEU A 171 -3.27 24.43 9.75
N ARG A 172 -2.57 23.62 10.54
CA ARG A 172 -2.96 23.42 11.94
C ARG A 172 -2.90 24.75 12.69
N TRP A 173 -1.79 25.48 12.53
CA TRP A 173 -1.63 26.78 13.15
C TRP A 173 -2.77 27.71 12.77
N ILE A 174 -3.09 27.72 11.48
CA ILE A 174 -4.16 28.58 10.98
C ILE A 174 -5.47 28.21 11.66
N LEU A 175 -5.67 26.91 11.89
CA LEU A 175 -6.88 26.43 12.52
C LEU A 175 -6.98 26.92 13.96
N GLU A 176 -5.84 26.96 14.64
CA GLU A 176 -5.80 27.24 16.07
C GLU A 176 -5.56 28.70 16.40
N ASN A 177 -5.37 29.53 15.38
CA ASN A 177 -5.11 30.94 15.59
C ASN A 177 -5.88 31.82 14.61
N ASP A 178 -5.99 33.11 14.94
CA ASP A 178 -6.59 34.07 14.03
C ASP A 178 -5.55 34.48 12.99
N PRO A 179 -5.75 34.06 11.74
CA PRO A 179 -4.77 34.24 10.66
C PRO A 179 -4.91 35.59 9.98
N THR A 180 -5.93 36.35 10.39
CA THR A 180 -6.31 37.57 9.69
C THR A 180 -5.14 38.50 9.36
N GLU A 181 -4.29 38.75 10.35
CA GLU A 181 -3.20 39.70 10.20
C GLU A 181 -2.13 39.25 9.21
N LEU A 182 -1.99 37.93 9.06
CA LEU A 182 -1.05 37.40 8.08
C LEU A 182 -1.46 37.78 6.66
N ASP A 183 -2.71 38.21 6.50
CA ASP A 183 -3.21 38.66 5.20
C ASP A 183 -3.12 37.56 4.13
N LEU A 184 -3.38 36.31 4.51
CA LEU A 184 -3.37 35.23 3.56
C LEU A 184 -4.53 35.35 2.58
N ARG A 185 -4.36 34.78 1.39
CA ARG A 185 -5.41 34.82 0.37
C ARG A 185 -5.86 33.40 0.02
N PHE A 186 -7.04 33.30 -0.58
CA PHE A 186 -7.55 32.01 -1.00
C PHE A 186 -6.84 31.55 -2.27
N ILE A 187 -5.56 31.23 -2.11
CA ILE A 187 -4.73 30.79 -3.22
C ILE A 187 -3.71 29.79 -2.70
N ILE A 188 -3.22 28.93 -3.58
CA ILE A 188 -2.15 28.02 -3.23
C ILE A 188 -0.95 28.26 -4.13
N ASP A 189 0.20 28.51 -3.52
CA ASP A 189 1.43 28.72 -4.27
C ASP A 189 2.25 27.44 -4.29
N GLU A 190 2.31 26.80 -5.45
CA GLU A 190 3.11 25.59 -5.62
C GLU A 190 4.40 25.89 -6.36
N GLU A 191 5.53 25.52 -5.76
CA GLU A 191 6.82 25.71 -6.42
C GLU A 191 7.16 24.55 -7.35
N LEU A 192 7.24 24.86 -8.65
CA LEU A 192 7.58 23.87 -9.66
C LEU A 192 8.55 24.44 -10.68
N PHE A 193 9.59 23.67 -10.99
CA PHE A 193 10.57 24.04 -12.00
C PHE A 193 11.18 25.42 -11.77
N GLY A 194 11.52 25.71 -10.52
CA GLY A 194 12.16 26.96 -10.17
C GLY A 194 11.26 28.19 -10.32
N GLN A 195 9.95 27.95 -10.34
CA GLN A 195 8.98 29.02 -10.45
C GLN A 195 7.88 28.80 -9.42
N THR A 196 7.18 29.88 -9.05
CA THR A 196 6.05 29.77 -8.14
C THR A 196 4.74 29.80 -8.91
N HIS A 197 3.87 28.81 -8.64
CA HIS A 197 2.61 28.70 -9.36
C HIS A 197 1.42 28.92 -8.44
N GLN A 198 0.74 30.04 -8.65
CA GLN A 198 -0.38 30.43 -7.83
C GLN A 198 -1.69 29.92 -8.41
N HIS A 199 -2.49 29.26 -7.58
N HIS A 199 -2.49 29.24 -7.60
CA HIS A 199 -3.80 28.74 -8.00
CA HIS A 199 -3.80 28.77 -8.03
C HIS A 199 -4.92 29.23 -7.10
C HIS A 199 -4.92 29.22 -7.10
N GLU A 200 -5.98 29.77 -7.70
CA GLU A 200 -7.16 30.17 -6.95
C GLU A 200 -7.74 28.97 -6.21
N LEU A 201 -8.02 29.13 -4.92
CA LEU A 201 -8.78 28.12 -4.21
C LEU A 201 -10.25 28.27 -4.60
N LYS A 202 -10.61 29.47 -5.04
CA LYS A 202 -11.96 29.74 -5.51
C LYS A 202 -11.95 30.95 -6.41
N ASN A 203 -13.10 31.22 -7.05
CA ASN A 203 -13.21 32.33 -7.97
C ASN A 203 -12.86 33.67 -7.33
N GLY A 204 -11.85 34.34 -7.85
CA GLY A 204 -11.39 35.60 -7.30
C GLY A 204 -10.69 35.42 -5.97
N GLY A 205 -10.15 34.23 -5.75
CA GLY A 205 -9.54 33.88 -4.48
C GLY A 205 -8.38 34.76 -4.07
N SER A 206 -7.71 35.35 -5.05
CA SER A 206 -6.54 36.19 -4.78
C SER A 206 -6.90 37.45 -3.98
N GLU A 207 -8.18 37.85 -4.02
CA GLU A 207 -8.61 39.06 -3.34
C GLU A 207 -9.44 38.77 -2.09
N ILE A 208 -9.45 37.51 -1.67
CA ILE A 208 -10.21 37.10 -0.50
C ILE A 208 -9.27 36.74 0.65
N VAL A 209 -9.51 37.34 1.82
CA VAL A 209 -8.62 37.18 2.95
C VAL A 209 -9.11 36.07 3.89
N VAL A 210 -8.17 35.24 4.34
CA VAL A 210 -8.48 34.16 5.27
C VAL A 210 -8.67 34.70 6.69
N THR A 211 -9.86 34.50 7.25
CA THR A 211 -10.18 34.96 8.60
C THR A 211 -10.78 33.82 9.40
N ASN A 212 -11.09 34.07 10.67
CA ASN A 212 -11.77 33.07 11.50
C ASN A 212 -13.12 32.67 10.91
N LYS A 213 -13.67 33.54 10.06
CA LYS A 213 -15.01 33.34 9.51
C LYS A 213 -15.03 32.40 8.31
N ASN A 214 -13.92 32.33 7.58
CA ASN A 214 -13.86 31.51 6.37
C ASN A 214 -12.68 30.55 6.31
N LYS A 215 -12.01 30.33 7.44
CA LYS A 215 -10.80 29.52 7.45
C LYS A 215 -11.09 28.01 7.36
N LYS A 216 -12.21 27.58 7.92
CA LYS A 216 -12.61 26.17 7.78
C LYS A 216 -12.81 25.84 6.31
N GLU A 217 -13.44 26.75 5.58
CA GLU A 217 -13.61 26.62 4.14
C GLU A 217 -12.24 26.64 3.46
N TYR A 218 -11.38 27.56 3.88
CA TYR A 218 -10.03 27.66 3.36
C TYR A 218 -9.30 26.34 3.50
N ILE A 219 -9.23 25.82 4.72
CA ILE A 219 -8.55 24.56 4.98
C ILE A 219 -9.11 23.44 4.11
N TYR A 220 -10.43 23.41 3.99
CA TYR A 220 -11.11 22.39 3.19
C TYR A 220 -10.68 22.47 1.73
N LEU A 221 -10.65 23.69 1.19
CA LEU A 221 -10.30 23.88 -0.22
C LEU A 221 -8.85 23.51 -0.50
N VAL A 222 -7.97 23.71 0.49
CA VAL A 222 -6.57 23.34 0.36
C VAL A 222 -6.41 21.83 0.33
N ILE A 223 -7.16 21.15 1.19
CA ILE A 223 -7.14 19.70 1.24
C ILE A 223 -7.67 19.10 -0.07
N GLN A 224 -8.70 19.72 -0.62
CA GLN A 224 -9.26 19.28 -1.89
C GLN A 224 -8.26 19.49 -3.04
N TRP A 225 -7.56 20.61 -3.02
CA TRP A 225 -6.58 20.89 -4.05
C TRP A 225 -5.45 19.88 -4.01
N ARG A 226 -5.03 19.54 -2.80
CA ARG A 226 -3.88 18.65 -2.61
C ARG A 226 -4.19 17.20 -2.96
N PHE A 227 -5.42 16.75 -2.69
CA PHE A 227 -5.72 15.33 -2.79
C PHE A 227 -6.84 14.95 -3.76
N VAL A 228 -7.73 15.89 -4.08
CA VAL A 228 -8.95 15.53 -4.78
C VAL A 228 -9.21 16.20 -6.13
N ASN A 229 -9.11 17.53 -6.15
CA ASN A 229 -9.58 18.32 -7.29
C ASN A 229 -9.02 17.94 -8.66
N ARG A 230 -7.73 17.70 -8.73
CA ARG A 230 -7.07 17.50 -10.03
C ARG A 230 -7.07 16.05 -10.50
N ILE A 231 -7.62 15.15 -9.69
CA ILE A 231 -7.59 13.72 -10.00
C ILE A 231 -8.97 13.10 -9.97
N GLN A 232 -10.00 13.94 -10.10
CA GLN A 232 -11.38 13.47 -9.99
C GLN A 232 -11.73 12.39 -11.00
N LYS A 233 -11.32 12.58 -12.25
CA LYS A 233 -11.65 11.61 -13.31
C LYS A 233 -10.80 10.35 -13.24
N GLN A 234 -9.53 10.49 -12.89
CA GLN A 234 -8.65 9.34 -12.70
C GLN A 234 -9.21 8.40 -11.64
N MET A 235 -9.51 8.93 -10.46
CA MET A 235 -10.03 8.10 -9.37
C MET A 235 -11.40 7.54 -9.70
N ALA A 236 -12.18 8.29 -10.46
CA ALA A 236 -13.51 7.85 -10.85
C ALA A 236 -13.41 6.64 -11.75
N ALA A 237 -12.45 6.67 -12.65
CA ALA A 237 -12.20 5.54 -13.56
C ALA A 237 -11.72 4.32 -12.77
N PHE A 238 -10.82 4.56 -11.82
CA PHE A 238 -10.30 3.48 -10.99
C PHE A 238 -11.42 2.82 -10.18
N LYS A 239 -12.28 3.64 -9.58
CA LYS A 239 -13.36 3.12 -8.74
C LYS A 239 -14.38 2.32 -9.55
N GLU A 240 -14.69 2.82 -10.74
CA GLU A 240 -15.61 2.12 -11.62
C GLU A 240 -15.11 0.71 -11.90
N GLY A 241 -13.82 0.59 -12.19
CA GLY A 241 -13.24 -0.71 -12.50
C GLY A 241 -13.26 -1.62 -11.29
N PHE A 242 -12.85 -1.08 -10.15
CA PHE A 242 -12.85 -1.81 -8.89
C PHE A 242 -14.25 -2.34 -8.55
N PHE A 243 -15.26 -1.49 -8.67
CA PHE A 243 -16.62 -1.87 -8.28
C PHE A 243 -17.30 -2.80 -9.28
N GLU A 244 -16.64 -3.06 -10.40
CA GLU A 244 -17.15 -4.07 -11.32
C GLU A 244 -16.88 -5.46 -10.76
N LEU A 245 -15.94 -5.56 -9.83
CA LEU A 245 -15.64 -6.82 -9.17
C LEU A 245 -16.13 -6.87 -7.73
N ILE A 246 -15.99 -5.75 -7.01
CA ILE A 246 -16.43 -5.67 -5.63
C ILE A 246 -17.47 -4.57 -5.47
N PRO A 247 -18.74 -4.96 -5.21
CA PRO A 247 -19.82 -3.99 -4.98
C PRO A 247 -19.40 -3.01 -3.91
N GLN A 248 -19.58 -1.71 -4.14
CA GLN A 248 -19.01 -0.74 -3.22
C GLN A 248 -19.70 -0.73 -1.86
N ASP A 249 -20.97 -1.12 -1.85
CA ASP A 249 -21.68 -1.28 -0.60
C ASP A 249 -20.98 -2.29 0.31
N LEU A 250 -20.43 -3.35 -0.28
CA LEU A 250 -19.70 -4.36 0.46
C LEU A 250 -18.38 -3.86 1.03
N ILE A 251 -17.58 -3.18 0.22
CA ILE A 251 -16.27 -2.72 0.65
C ILE A 251 -16.42 -1.69 1.79
N LYS A 252 -17.63 -1.17 1.96
CA LYS A 252 -17.89 -0.10 2.93
C LYS A 252 -17.97 -0.59 4.37
N ILE A 253 -17.84 -1.89 4.59
CA ILE A 253 -17.81 -2.40 5.96
C ILE A 253 -16.44 -2.14 6.57
N PHE A 254 -15.44 -1.95 5.71
CA PHE A 254 -14.08 -1.68 6.17
C PHE A 254 -13.82 -0.19 6.26
N ASP A 255 -12.83 0.18 7.08
CA ASP A 255 -12.34 1.55 7.11
C ASP A 255 -11.03 1.63 6.31
N GLU A 256 -10.46 2.83 6.20
CA GLU A 256 -9.25 3.02 5.40
C GLU A 256 -8.10 2.12 5.82
N ASN A 257 -7.95 1.91 7.12
CA ASN A 257 -6.86 1.08 7.63
C ASN A 257 -7.05 -0.39 7.25
N GLU A 258 -8.27 -0.88 7.40
CA GLU A 258 -8.61 -2.26 7.08
C GLU A 258 -8.55 -2.48 5.58
N LEU A 259 -9.09 -1.53 4.83
CA LEU A 259 -9.07 -1.60 3.37
C LEU A 259 -7.63 -1.75 2.85
N GLU A 260 -6.74 -0.91 3.36
CA GLU A 260 -5.34 -0.97 2.95
C GLU A 260 -4.79 -2.36 3.18
N LEU A 261 -5.12 -2.94 4.34
CA LEU A 261 -4.66 -4.27 4.69
C LEU A 261 -5.25 -5.30 3.72
N LEU A 262 -6.53 -5.14 3.42
CA LEU A 262 -7.24 -6.07 2.55
C LEU A 262 -6.66 -6.10 1.13
N MET A 263 -6.27 -4.94 0.61
CA MET A 263 -5.83 -4.84 -0.78
C MET A 263 -4.33 -5.07 -0.99
N CYS A 264 -3.53 -4.47 -0.12
N CYS A 264 -3.50 -4.46 -0.14
CA CYS A 264 -2.08 -4.49 -0.30
CA CYS A 264 -2.06 -4.54 -0.32
C CYS A 264 -1.36 -5.17 0.86
C CYS A 264 -1.37 -5.24 0.83
N GLY A 265 -2.15 -5.60 1.85
CA GLY A 265 -1.61 -6.28 3.01
C GLY A 265 -0.53 -5.47 3.72
N LEU A 266 -0.66 -4.15 3.68
CA LEU A 266 0.29 -3.28 4.36
C LEU A 266 -0.31 -2.69 5.62
N GLY A 267 0.55 -2.28 6.55
CA GLY A 267 0.12 -1.68 7.79
C GLY A 267 1.29 -1.36 8.69
N ASP A 268 1.07 -0.50 9.67
CA ASP A 268 2.11 -0.14 10.62
C ASP A 268 2.34 -1.28 11.61
N VAL A 269 3.51 -1.91 11.53
CA VAL A 269 3.85 -3.02 12.42
C VAL A 269 4.45 -2.54 13.74
N ASP A 270 3.73 -2.77 14.83
CA ASP A 270 4.18 -2.36 16.15
C ASP A 270 5.44 -3.10 16.56
N VAL A 271 6.59 -2.48 16.37
CA VAL A 271 7.87 -3.09 16.70
C VAL A 271 7.99 -3.41 18.18
N ASN A 272 7.38 -2.56 19.01
CA ASN A 272 7.38 -2.78 20.45
C ASN A 272 6.80 -4.13 20.81
N ASP A 273 5.60 -4.39 20.33
CA ASP A 273 4.93 -5.67 20.55
C ASP A 273 5.82 -6.80 20.07
N TRP A 274 6.20 -6.75 18.81
CA TRP A 274 7.17 -7.67 18.22
C TRP A 274 8.28 -7.96 19.23
N ARG A 275 9.02 -6.92 19.56
CA ARG A 275 10.18 -6.99 20.45
C ARG A 275 9.89 -7.78 21.74
N GLU A 276 8.74 -7.51 22.34
CA GLU A 276 8.43 -8.07 23.66
C GLU A 276 7.95 -9.52 23.63
N HIS A 277 7.53 -9.99 22.46
CA HIS A 277 7.06 -11.36 22.32
C HIS A 277 7.98 -12.19 21.44
N THR A 278 9.28 -11.89 21.53
CA THR A 278 10.29 -12.62 20.78
C THR A 278 11.12 -13.48 21.72
N LYS A 279 11.45 -14.69 21.28
CA LYS A 279 12.28 -15.60 22.05
C LYS A 279 13.71 -15.65 21.51
N TYR A 280 14.66 -16.02 22.37
CA TYR A 280 16.07 -16.02 22.00
C TYR A 280 16.74 -17.36 22.22
N LYS A 281 17.49 -17.81 21.22
CA LYS A 281 18.11 -19.14 21.24
C LYS A 281 19.63 -19.12 21.17
N ASN A 282 20.24 -20.15 21.75
CA ASN A 282 21.67 -20.42 21.60
C ASN A 282 22.58 -19.29 22.08
N GLY A 283 22.34 -18.81 23.29
CA GLY A 283 23.19 -17.79 23.88
C GLY A 283 22.67 -16.37 23.74
N TYR A 284 21.70 -16.16 22.85
CA TYR A 284 21.14 -14.82 22.66
C TYR A 284 20.22 -14.40 23.79
N SER A 285 20.10 -13.09 23.96
CA SER A 285 19.29 -12.50 25.02
C SER A 285 18.75 -11.17 24.52
N ALA A 286 17.85 -10.57 25.28
CA ALA A 286 17.31 -9.26 24.93
C ALA A 286 18.36 -8.17 25.06
N ASN A 287 19.33 -8.38 25.94
CA ASN A 287 20.40 -7.41 26.17
C ASN A 287 21.65 -7.70 25.36
N HIS A 288 21.74 -8.92 24.83
CA HIS A 288 22.88 -9.32 24.02
C HIS A 288 23.14 -8.29 22.92
N GLN A 289 24.39 -7.86 22.79
CA GLN A 289 24.76 -6.80 21.85
C GLN A 289 24.11 -6.97 20.48
N VAL A 290 24.39 -8.09 19.83
CA VAL A 290 23.86 -8.36 18.50
C VAL A 290 22.35 -8.17 18.44
N ILE A 291 21.64 -8.69 19.45
CA ILE A 291 20.19 -8.55 19.51
C ILE A 291 19.79 -7.08 19.61
N GLN A 292 20.48 -6.33 20.45
CA GLN A 292 20.24 -4.89 20.54
C GLN A 292 20.39 -4.24 19.18
N TRP A 293 21.39 -4.66 18.42
CA TRP A 293 21.61 -4.14 17.08
C TRP A 293 20.48 -4.55 16.14
N PHE A 294 20.01 -5.78 16.29
CA PHE A 294 18.93 -6.29 15.45
C PHE A 294 17.68 -5.43 15.61
N TRP A 295 17.34 -5.11 16.85
CA TRP A 295 16.16 -4.30 17.12
C TRP A 295 16.35 -2.84 16.73
N LYS A 296 17.58 -2.34 16.88
CA LYS A 296 17.89 -1.00 16.43
C LYS A 296 17.64 -0.90 14.92
N ALA A 297 18.13 -1.90 14.20
CA ALA A 297 17.94 -1.99 12.75
C ALA A 297 16.47 -1.98 12.38
N VAL A 298 15.73 -2.95 12.91
CA VAL A 298 14.30 -3.07 12.63
C VAL A 298 13.58 -1.76 12.89
N LEU A 299 14.02 -1.04 13.92
CA LEU A 299 13.39 0.22 14.31
C LEU A 299 13.56 1.31 13.26
N MET A 300 14.66 1.24 12.51
CA MET A 300 14.95 2.25 11.49
C MET A 300 14.59 1.79 10.08
N MET A 301 13.99 0.61 9.96
CA MET A 301 13.57 0.10 8.67
C MET A 301 12.24 0.72 8.23
N ASP A 302 12.01 0.76 6.93
CA ASP A 302 10.73 1.23 6.39
C ASP A 302 9.62 0.24 6.73
N SER A 303 8.39 0.73 6.80
CA SER A 303 7.24 -0.14 7.04
C SER A 303 7.26 -1.31 6.07
N GLU A 304 7.68 -1.03 4.84
CA GLU A 304 7.79 -2.06 3.80
C GLU A 304 8.80 -3.14 4.17
N LYS A 305 9.97 -2.72 4.67
CA LYS A 305 11.02 -3.67 5.02
C LYS A 305 10.73 -4.43 6.31
N ARG A 306 10.14 -3.75 7.29
CA ARG A 306 9.70 -4.42 8.50
C ARG A 306 8.75 -5.56 8.17
N ILE A 307 7.87 -5.33 7.20
CA ILE A 307 6.91 -6.33 6.77
C ILE A 307 7.60 -7.46 6.03
N ARG A 308 8.49 -7.11 5.11
CA ARG A 308 9.17 -8.12 4.30
C ARG A 308 10.16 -8.95 5.12
N LEU A 309 10.71 -8.34 6.17
CA LEU A 309 11.54 -9.08 7.13
C LEU A 309 10.67 -10.10 7.83
N LEU A 310 9.44 -9.67 8.16
CA LEU A 310 8.47 -10.55 8.78
C LEU A 310 8.12 -11.70 7.82
N GLN A 311 7.91 -11.37 6.55
CA GLN A 311 7.64 -12.38 5.53
C GLN A 311 8.79 -13.36 5.44
N PHE A 312 10.00 -12.83 5.41
CA PHE A 312 11.20 -13.64 5.27
C PHE A 312 11.31 -14.69 6.36
N VAL A 313 11.03 -14.29 7.60
CA VAL A 313 11.18 -15.18 8.75
C VAL A 313 9.95 -16.06 8.97
N THR A 314 8.77 -15.46 8.87
CA THR A 314 7.52 -16.15 9.19
C THR A 314 7.01 -17.01 8.03
N GLY A 315 7.26 -16.56 6.80
CA GLY A 315 6.74 -17.22 5.62
C GLY A 315 5.46 -16.54 5.16
N THR A 316 5.09 -15.48 5.87
CA THR A 316 3.91 -14.68 5.53
C THR A 316 4.10 -13.24 5.99
N SER A 317 3.31 -12.33 5.44
CA SER A 317 3.40 -10.91 5.80
C SER A 317 2.37 -10.56 6.87
N ARG A 318 1.52 -11.51 7.19
CA ARG A 318 0.41 -11.29 8.11
C ARG A 318 0.86 -11.19 9.56
N VAL A 319 0.28 -10.24 10.28
CA VAL A 319 0.48 -10.11 11.72
C VAL A 319 -0.80 -10.56 12.42
N PRO A 320 -0.67 -11.52 13.35
CA PRO A 320 -1.86 -12.07 14.01
C PRO A 320 -2.57 -11.04 14.87
N MET A 321 -3.89 -10.98 14.75
CA MET A 321 -4.70 -10.14 15.62
C MET A 321 -4.34 -10.44 17.06
N ASN A 322 -4.37 -9.42 17.91
CA ASN A 322 -3.98 -9.56 19.32
C ASN A 322 -2.46 -9.55 19.52
N GLY A 323 -1.74 -9.16 18.47
CA GLY A 323 -0.29 -8.98 18.58
C GLY A 323 0.54 -10.21 18.30
N PHE A 324 1.83 -10.12 18.57
CA PHE A 324 2.77 -11.21 18.32
C PHE A 324 2.72 -12.28 19.39
N ALA A 325 1.95 -12.03 20.45
CA ALA A 325 1.79 -12.99 21.53
C ALA A 325 1.16 -14.29 21.00
N GLU A 326 0.39 -14.16 19.92
CA GLU A 326 -0.32 -15.31 19.36
C GLU A 326 0.18 -15.67 17.97
N LEU A 327 1.48 -15.50 17.73
CA LEU A 327 2.07 -15.87 16.46
C LEU A 327 2.14 -17.39 16.35
N TYR A 328 1.70 -17.93 15.22
CA TYR A 328 1.73 -19.37 14.99
C TYR A 328 2.81 -19.82 14.01
N GLY A 329 3.57 -20.85 14.39
CA GLY A 329 4.56 -21.44 13.52
C GLY A 329 3.93 -22.43 12.56
N SER A 330 4.54 -23.61 12.43
CA SER A 330 4.00 -24.64 11.56
C SER A 330 3.21 -25.68 12.36
N ASN A 331 3.69 -25.98 13.57
CA ASN A 331 3.06 -27.00 14.42
C ASN A 331 2.44 -26.40 15.68
N GLY A 332 1.74 -25.28 15.53
CA GLY A 332 1.07 -24.64 16.66
C GLY A 332 1.72 -23.33 17.07
N PRO A 333 1.35 -22.84 18.27
CA PRO A 333 1.90 -21.60 18.82
C PRO A 333 3.43 -21.56 18.75
N GLN A 334 3.97 -20.46 18.25
CA GLN A 334 5.41 -20.33 18.07
C GLN A 334 5.81 -18.86 17.98
N SER A 335 6.31 -18.34 19.09
CA SER A 335 6.74 -16.94 19.14
C SER A 335 7.90 -16.69 18.19
N PHE A 336 7.94 -15.49 17.62
CA PHE A 336 9.05 -15.06 16.78
C PHE A 336 10.36 -15.35 17.50
N THR A 337 11.27 -16.03 16.82
CA THR A 337 12.49 -16.51 17.45
C THR A 337 13.75 -16.08 16.71
N VAL A 338 14.78 -15.74 17.47
CA VAL A 338 16.09 -15.39 16.90
C VAL A 338 17.18 -16.26 17.53
N GLU A 339 17.88 -17.02 16.70
CA GLU A 339 18.90 -17.95 17.18
C GLU A 339 20.29 -17.63 16.65
N GLN A 340 21.30 -17.73 17.51
CA GLN A 340 22.68 -17.51 17.10
C GLN A 340 23.20 -18.69 16.27
N TRP A 341 23.56 -18.42 15.02
CA TRP A 341 24.05 -19.46 14.13
C TRP A 341 25.02 -18.93 13.09
N GLY A 342 26.12 -19.65 12.88
CA GLY A 342 27.05 -19.33 11.82
C GLY A 342 28.16 -18.36 12.16
N THR A 343 28.84 -17.89 11.12
CA THR A 343 29.96 -16.97 11.25
C THR A 343 29.58 -15.66 10.56
N PRO A 344 30.15 -14.53 11.01
CA PRO A 344 29.86 -13.22 10.43
C PRO A 344 29.94 -13.12 8.90
N GLU A 345 30.43 -14.17 8.24
CA GLU A 345 30.54 -14.13 6.78
C GLU A 345 29.23 -14.46 6.06
N LYS A 346 28.49 -15.45 6.58
CA LYS A 346 27.25 -15.86 5.91
C LYS A 346 26.04 -15.06 6.37
N LEU A 347 25.10 -14.86 5.46
CA LEU A 347 23.89 -14.11 5.73
C LEU A 347 22.96 -14.90 6.65
N PRO A 348 22.01 -14.21 7.30
CA PRO A 348 21.00 -14.89 8.11
C PRO A 348 20.07 -15.74 7.27
N ARG A 349 19.64 -16.88 7.81
CA ARG A 349 18.65 -17.73 7.14
C ARG A 349 17.33 -17.70 7.91
N ALA A 350 16.29 -18.28 7.32
CA ALA A 350 14.97 -18.26 7.93
C ALA A 350 14.25 -19.60 7.89
N HIS A 351 14.02 -20.18 9.06
CA HIS A 351 13.22 -21.40 9.16
C HIS A 351 11.77 -21.02 9.43
N THR A 352 11.01 -20.81 8.35
CA THR A 352 9.64 -20.33 8.44
C THR A 352 8.73 -21.20 9.30
N CYS A 353 8.88 -22.51 9.18
CA CYS A 353 8.04 -23.45 9.93
C CYS A 353 8.23 -23.31 11.45
N PHE A 354 9.25 -22.58 11.85
CA PHE A 354 9.49 -22.34 13.27
C PHE A 354 9.48 -20.85 13.57
N ASN A 355 9.15 -20.06 12.57
CA ASN A 355 9.19 -18.60 12.70
C ASN A 355 10.49 -18.16 13.36
N ARG A 356 11.60 -18.72 12.89
CA ARG A 356 12.89 -18.47 13.51
C ARG A 356 13.91 -17.89 12.51
N LEU A 357 14.65 -16.90 12.98
CA LEU A 357 15.73 -16.30 12.20
C LEU A 357 17.08 -16.73 12.79
N ASP A 358 17.90 -17.37 11.98
CA ASP A 358 19.25 -17.72 12.40
C ASP A 358 20.17 -16.54 12.14
N LEU A 359 20.64 -15.92 13.21
CA LEU A 359 21.42 -14.70 13.11
C LEU A 359 22.84 -14.88 13.61
N PRO A 360 23.82 -14.72 12.70
CA PRO A 360 25.24 -14.76 13.06
C PRO A 360 25.57 -13.62 14.02
N PRO A 361 26.60 -13.81 14.87
CA PRO A 361 26.99 -12.82 15.88
C PRO A 361 27.85 -11.72 15.27
N TYR A 362 27.23 -10.77 14.56
CA TYR A 362 27.98 -9.73 13.88
C TYR A 362 28.73 -8.81 14.85
N GLU A 363 29.80 -8.20 14.37
CA GLU A 363 30.68 -7.40 15.21
C GLU A 363 30.43 -5.89 15.05
N SER A 364 29.55 -5.54 14.12
CA SER A 364 29.20 -4.15 13.90
C SER A 364 27.72 -4.04 13.56
N PHE A 365 27.06 -3.03 14.11
CA PHE A 365 25.65 -2.81 13.81
C PHE A 365 25.46 -2.62 12.31
N GLU A 366 26.33 -1.81 11.72
CA GLU A 366 26.23 -1.48 10.31
C GLU A 366 26.43 -2.73 9.45
N GLU A 367 27.31 -3.62 9.91
CA GLU A 367 27.48 -4.90 9.24
C GLU A 367 26.19 -5.71 9.32
N LEU A 368 25.59 -5.73 10.51
CA LEU A 368 24.35 -6.46 10.71
C LEU A 368 23.28 -5.90 9.80
N TRP A 369 23.24 -4.57 9.67
CA TRP A 369 22.29 -3.91 8.79
C TRP A 369 22.40 -4.43 7.36
N ASP A 370 23.62 -4.42 6.84
CA ASP A 370 23.90 -4.91 5.49
C ASP A 370 23.42 -6.34 5.31
N LYS A 371 24.06 -7.27 6.04
CA LYS A 371 23.75 -8.70 5.93
C LYS A 371 22.25 -8.97 5.95
N LEU A 372 21.58 -8.47 6.98
CA LEU A 372 20.14 -8.69 7.13
C LEU A 372 19.35 -8.12 5.96
N GLN A 373 19.68 -6.90 5.55
CA GLN A 373 18.96 -6.22 4.48
C GLN A 373 19.05 -6.97 3.16
N MET A 374 20.21 -7.60 2.91
CA MET A 374 20.42 -8.34 1.67
C MET A 374 19.63 -9.64 1.67
N ALA A 375 19.62 -10.32 2.81
CA ALA A 375 18.92 -11.59 2.95
C ALA A 375 17.41 -11.41 2.78
N ILE A 376 16.93 -10.20 3.03
CA ILE A 376 15.51 -9.90 2.90
C ILE A 376 15.12 -9.60 1.46
N GLU A 377 16.09 -9.10 0.70
CA GLU A 377 15.83 -8.63 -0.66
C GLU A 377 15.50 -9.77 -1.62
N ASN A 378 15.94 -10.98 -1.30
CA ASN A 378 15.64 -12.13 -2.14
C ASN A 378 14.21 -12.63 -1.91
N THR A 379 13.59 -12.16 -0.84
CA THR A 379 12.23 -12.57 -0.51
C THR A 379 11.21 -11.56 -1.02
C1 EDO B . 2.13 31.15 9.83
O1 EDO B . 1.45 30.02 9.26
C2 EDO B . 2.42 30.90 11.31
O2 EDO B . 3.09 32.03 11.89
C1 EDO C . 0.03 28.92 4.65
O1 EDO C . -0.07 27.50 4.54
C2 EDO C . 1.18 29.28 5.58
O2 EDO C . 1.23 30.70 5.75
C1 EDO D . -5.43 35.35 -10.46
O1 EDO D . -4.21 36.10 -10.57
C2 EDO D . -5.13 33.87 -10.38
O2 EDO D . -4.43 33.58 -9.15
C1 EDO E . -8.52 -1.77 -24.94
O1 EDO E . -9.74 -1.49 -24.23
C2 EDO E . -8.55 -3.19 -25.51
O2 EDO E . -7.53 -3.34 -26.49
CA CA F . 15.52 -12.14 26.73
#